data_4ZOS
#
_entry.id   4ZOS
#
_cell.length_a   35.675
_cell.length_b   37.135
_cell.length_c   82.583
_cell.angle_alpha   87.66
_cell.angle_beta   88.25
_cell.angle_gamma   61.17
#
_symmetry.space_group_name_H-M   'P 1'
#
loop_
_entity.id
_entity.type
_entity.pdbx_description
1 polymer 'protein YE0340 from Yersinia enterocolitica subsp. enterocolitica 8081'
2 non-polymer 'PHOSPHATE ION'
3 water water
#
_entity_poly.entity_id   1
_entity_poly.type   'polypeptide(L)'
_entity_poly.pdbx_seq_one_letter_code
;SNAMQKIKSEERHIICELRCEPENRERVKELVLKFVEPARLETGCLYYDLYQKIDEPDTFYIIDGWVNQEAVTSHAENPH
VAEVMSDLQPLLTFGPSISLITRVSD
;
_entity_poly.pdbx_strand_id   A,B,C,D
#
loop_
_chem_comp.id
_chem_comp.type
_chem_comp.name
_chem_comp.formula
PO4 non-polymer 'PHOSPHATE ION' 'O4 P -3'
#
# COMPACT_ATOMS: atom_id res chain seq x y z
N ASN A 2 3.87 -0.13 -8.56
CA ASN A 2 3.98 -1.40 -9.30
C ASN A 2 5.40 -1.97 -9.23
N ALA A 3 6.39 -1.09 -9.47
CA ALA A 3 7.81 -1.44 -9.41
C ALA A 3 8.26 -1.82 -7.98
N MET A 4 7.89 -0.99 -6.99
CA MET A 4 8.25 -1.27 -5.61
C MET A 4 7.45 -2.48 -5.10
N GLN A 5 6.36 -2.81 -5.77
CA GLN A 5 5.50 -3.95 -5.42
C GLN A 5 6.09 -5.24 -6.01
N LYS A 6 6.69 -5.12 -7.20
CA LYS A 6 7.35 -6.26 -7.82
C LYS A 6 8.62 -6.56 -7.03
N ILE A 7 9.20 -5.51 -6.43
CA ILE A 7 10.38 -5.67 -5.60
C ILE A 7 9.97 -6.43 -4.34
N LYS A 8 8.95 -5.90 -3.64
CA LYS A 8 8.43 -6.51 -2.42
C LYS A 8 8.15 -7.99 -2.63
N SER A 9 7.26 -8.32 -3.58
CA SER A 9 6.87 -9.71 -3.87
C SER A 9 8.02 -10.59 -4.29
N GLU A 10 9.11 -9.98 -4.77
CA GLU A 10 10.30 -10.73 -5.17
C GLU A 10 11.07 -11.25 -3.95
N GLU A 11 11.08 -10.48 -2.89
CA GLU A 11 11.79 -10.88 -1.68
C GLU A 11 11.31 -12.20 -1.08
N ARG A 12 12.23 -12.85 -0.41
CA ARG A 12 11.92 -14.11 0.27
C ARG A 12 12.58 -14.01 1.62
N HIS A 13 11.80 -14.24 2.66
CA HIS A 13 12.33 -14.17 3.99
C HIS A 13 12.16 -15.53 4.59
N ILE A 14 12.99 -15.84 5.57
CA ILE A 14 12.94 -17.13 6.22
C ILE A 14 12.96 -17.05 7.72
N ILE A 15 12.04 -17.76 8.35
CA ILE A 15 12.06 -17.92 9.80
C ILE A 15 12.44 -19.38 9.93
N CYS A 16 13.51 -19.63 10.68
CA CYS A 16 13.99 -20.98 10.91
C CYS A 16 14.11 -21.21 12.42
N GLU A 17 13.27 -22.09 12.96
CA GLU A 17 13.27 -22.40 14.40
C GLU A 17 14.09 -23.68 14.71
N LEU A 18 14.92 -23.59 15.74
CA LEU A 18 15.81 -24.68 16.17
C LEU A 18 15.72 -24.81 17.68
N ARG A 19 15.64 -26.03 18.19
CA ARG A 19 15.61 -26.25 19.63
C ARG A 19 16.59 -27.35 19.97
N CYS A 20 17.17 -27.27 21.16
CA CYS A 20 18.13 -28.27 21.62
C CYS A 20 17.92 -28.54 23.09
N GLU A 21 18.68 -29.52 23.60
CA GLU A 21 18.65 -29.85 25.00
C GLU A 21 19.53 -28.81 25.69
N PRO A 22 19.17 -28.45 26.93
CA PRO A 22 19.88 -27.46 27.73
C PRO A 22 21.39 -27.61 27.68
N GLU A 23 21.86 -28.85 27.78
CA GLU A 23 23.26 -29.18 27.77
C GLU A 23 24.02 -28.82 26.49
N ASN A 24 23.32 -28.74 25.37
CA ASN A 24 23.95 -28.41 24.09
C ASN A 24 23.69 -26.99 23.65
N ARG A 25 23.11 -26.19 24.56
CA ARG A 25 22.73 -24.82 24.27
C ARG A 25 23.91 -24.00 23.79
N GLU A 26 25.05 -24.09 24.48
CA GLU A 26 26.19 -23.30 24.08
C GLU A 26 26.79 -23.82 22.78
N ARG A 27 26.88 -25.15 22.64
CA ARG A 27 27.44 -25.72 21.41
C ARG A 27 26.57 -25.38 20.19
N VAL A 28 25.26 -25.47 20.32
CA VAL A 28 24.35 -25.14 19.23
C VAL A 28 24.48 -23.69 18.83
N LYS A 29 24.57 -22.81 19.80
CA LYS A 29 24.73 -21.38 19.56
C LYS A 29 26.02 -21.10 18.76
N GLU A 30 27.11 -21.75 19.16
CA GLU A 30 28.39 -21.57 18.52
C GLU A 30 28.32 -21.97 17.05
N LEU A 31 27.73 -23.13 16.75
CA LEU A 31 27.62 -23.58 15.36
C LEU A 31 26.78 -22.68 14.50
N VAL A 32 25.59 -22.34 14.98
CA VAL A 32 24.67 -21.51 14.20
C VAL A 32 25.31 -20.16 13.87
N LEU A 33 26.08 -19.59 14.80
CA LEU A 33 26.77 -18.33 14.53
C LEU A 33 27.63 -18.41 13.29
N LYS A 34 28.14 -19.59 12.99
CA LYS A 34 28.99 -19.78 11.83
C LYS A 34 28.25 -19.48 10.54
N PHE A 35 26.94 -19.71 10.50
CA PHE A 35 26.17 -19.37 9.30
C PHE A 35 26.12 -17.87 9.07
N VAL A 36 26.26 -17.08 10.12
CA VAL A 36 26.04 -15.61 10.05
C VAL A 36 26.83 -14.76 9.07
N GLU A 37 28.13 -14.58 9.31
CA GLU A 37 28.93 -13.74 8.44
C GLU A 37 29.00 -14.25 7.01
N PRO A 38 29.16 -15.57 6.81
CA PRO A 38 29.21 -16.05 5.42
C PRO A 38 27.90 -15.83 4.69
N ALA A 39 26.78 -15.92 5.41
CA ALA A 39 25.46 -15.72 4.81
C ALA A 39 25.29 -14.25 4.39
N ARG A 40 25.67 -13.34 5.26
CA ARG A 40 25.58 -11.91 4.96
C ARG A 40 26.44 -11.50 3.75
N LEU A 41 27.48 -12.28 3.47
CA LEU A 41 28.37 -11.98 2.37
C LEU A 41 27.79 -12.56 1.06
N GLU A 42 26.84 -13.48 1.17
CA GLU A 42 26.24 -14.06 -0.02
C GLU A 42 25.57 -12.90 -0.70
N THR A 43 25.83 -12.69 -1.99
N THR A 43 25.69 -12.92 -2.04
CA THR A 43 25.38 -11.41 -2.66
CA THR A 43 25.04 -12.00 -2.90
C THR A 43 23.90 -10.85 -2.56
C THR A 43 23.52 -12.31 -2.83
N GLY A 44 22.88 -11.72 -2.64
N GLY A 44 22.79 -11.23 -2.62
CA GLY A 44 21.44 -11.37 -2.53
CA GLY A 44 21.38 -11.33 -2.52
C GLY A 44 20.87 -11.44 -1.12
C GLY A 44 20.86 -11.41 -1.11
N CYS A 45 21.74 -11.55 -0.12
CA CYS A 45 21.31 -11.56 1.27
C CYS A 45 20.97 -10.14 1.71
N LEU A 46 19.74 -9.93 2.17
CA LEU A 46 19.34 -8.62 2.68
C LEU A 46 19.78 -8.48 4.12
N TYR A 47 19.53 -9.51 4.91
CA TYR A 47 19.91 -9.53 6.32
C TYR A 47 19.93 -10.98 6.83
N TYR A 48 20.57 -11.22 7.96
CA TYR A 48 20.66 -12.58 8.53
C TYR A 48 21.08 -12.43 9.98
N ASP A 49 20.22 -12.88 10.89
CA ASP A 49 20.48 -12.76 12.31
C ASP A 49 19.99 -13.96 13.08
N LEU A 50 20.70 -14.28 14.15
CA LEU A 50 20.38 -15.38 15.02
C LEU A 50 19.75 -14.79 16.28
N TYR A 51 18.69 -15.42 16.75
CA TYR A 51 18.03 -14.98 17.96
C TYR A 51 17.85 -16.16 18.89
N GLN A 52 17.60 -15.83 20.16
CA GLN A 52 17.36 -16.80 21.20
C GLN A 52 16.06 -16.40 21.92
N LYS A 53 15.20 -17.35 22.20
CA LYS A 53 13.96 -17.02 22.89
C LYS A 53 14.28 -16.72 24.37
N ILE A 54 13.88 -15.54 24.84
CA ILE A 54 14.18 -15.09 26.19
C ILE A 54 13.73 -16.00 27.33
N ASP A 55 12.48 -16.48 27.29
CA ASP A 55 11.97 -17.38 28.35
C ASP A 55 12.29 -18.86 28.11
N GLU A 56 12.79 -19.21 26.91
CA GLU A 56 13.15 -20.58 26.59
C GLU A 56 14.48 -20.56 25.84
N PRO A 57 15.58 -20.30 26.55
CA PRO A 57 16.89 -20.22 25.91
C PRO A 57 17.33 -21.45 25.09
N ASP A 58 16.60 -22.56 25.15
CA ASP A 58 16.91 -23.75 24.34
C ASP A 58 16.32 -23.64 22.94
N THR A 59 15.69 -22.50 22.65
CA THR A 59 15.04 -22.26 21.37
C THR A 59 15.69 -21.10 20.64
N PHE A 60 16.10 -21.36 19.41
CA PHE A 60 16.72 -20.37 18.59
C PHE A 60 15.91 -20.14 17.33
N TYR A 61 16.08 -18.95 16.79
CA TYR A 61 15.43 -18.56 15.57
C TYR A 61 16.43 -17.87 14.73
N ILE A 62 16.42 -18.20 13.45
CA ILE A 62 17.25 -17.53 12.47
C ILE A 62 16.24 -16.82 11.61
N ILE A 63 16.43 -15.52 11.43
CA ILE A 63 15.57 -14.73 10.59
C ILE A 63 16.47 -14.10 9.56
N ASP A 64 16.23 -14.40 8.30
CA ASP A 64 17.04 -13.86 7.19
C ASP A 64 16.20 -13.51 5.96
N GLY A 65 16.64 -12.51 5.21
CA GLY A 65 15.91 -12.05 4.02
C GLY A 65 16.74 -12.06 2.77
N TRP A 66 16.12 -12.38 1.65
CA TRP A 66 16.85 -12.53 0.39
C TRP A 66 16.20 -11.73 -0.74
N VAL A 67 17.00 -11.24 -1.66
CA VAL A 67 16.48 -10.42 -2.79
C VAL A 67 15.47 -11.18 -3.64
N ASN A 68 15.67 -12.49 -3.78
CA ASN A 68 14.77 -13.31 -4.59
C ASN A 68 14.94 -14.80 -4.36
N GLN A 69 14.06 -15.58 -4.99
CA GLN A 69 14.03 -17.03 -4.90
C GLN A 69 15.37 -17.67 -5.22
N GLU A 70 16.04 -17.13 -6.22
CA GLU A 70 17.31 -17.65 -6.69
C GLU A 70 18.40 -17.47 -5.61
N ALA A 71 18.40 -16.32 -4.94
CA ALA A 71 19.36 -16.07 -3.88
C ALA A 71 19.14 -16.99 -2.67
N VAL A 72 17.89 -17.18 -2.28
CA VAL A 72 17.62 -18.05 -1.15
C VAL A 72 17.87 -19.52 -1.52
N THR A 73 17.57 -19.89 -2.77
CA THR A 73 17.82 -21.27 -3.24
C THR A 73 19.33 -21.53 -3.32
N SER A 74 20.07 -20.59 -3.89
CA SER A 74 21.52 -20.70 -3.98
C SER A 74 22.10 -20.79 -2.57
N HIS A 75 21.44 -20.13 -1.61
CA HIS A 75 21.85 -20.17 -0.22
C HIS A 75 21.61 -21.53 0.37
N ALA A 76 20.43 -22.12 0.13
CA ALA A 76 20.11 -23.43 0.67
C ALA A 76 21.06 -24.50 0.12
N GLU A 77 21.54 -24.30 -1.11
CA GLU A 77 22.44 -25.25 -1.76
C GLU A 77 23.92 -25.01 -1.46
N ASN A 78 24.23 -23.94 -0.71
CA ASN A 78 25.60 -23.59 -0.38
C ASN A 78 26.30 -24.72 0.43
N PRO A 79 27.53 -25.09 0.05
CA PRO A 79 28.29 -26.13 0.75
C PRO A 79 28.58 -25.81 2.22
N HIS A 80 28.87 -24.54 2.50
CA HIS A 80 29.13 -24.15 3.87
C HIS A 80 27.87 -24.36 4.69
N VAL A 81 26.71 -24.03 4.13
CA VAL A 81 25.46 -24.19 4.86
C VAL A 81 25.23 -25.67 5.18
N ALA A 82 25.44 -26.51 4.17
CA ALA A 82 25.25 -27.96 4.35
C ALA A 82 26.23 -28.54 5.36
N GLU A 83 27.47 -28.05 5.34
CA GLU A 83 28.52 -28.51 6.24
C GLU A 83 28.16 -28.22 7.71
N VAL A 84 27.72 -27.00 7.99
CA VAL A 84 27.30 -26.59 9.34
C VAL A 84 26.01 -27.34 9.72
N MET A 85 25.13 -27.55 8.75
CA MET A 85 23.88 -28.24 9.00
C MET A 85 24.15 -29.68 9.42
N SER A 86 25.20 -30.27 8.86
CA SER A 86 25.57 -31.64 9.18
C SER A 86 25.96 -31.80 10.64
N ASP A 87 26.71 -30.83 11.15
CA ASP A 87 27.17 -30.85 12.55
C ASP A 87 26.04 -30.56 13.52
N LEU A 88 25.15 -29.65 13.11
CA LEU A 88 23.99 -29.24 13.92
C LEU A 88 22.91 -30.31 14.16
N GLN A 89 22.51 -31.00 13.10
CA GLN A 89 21.45 -32.02 13.17
C GLN A 89 21.44 -32.93 14.40
N PRO A 90 22.60 -33.52 14.76
CA PRO A 90 22.62 -34.39 15.94
C PRO A 90 22.42 -33.68 17.28
N LEU A 91 22.60 -32.36 17.32
CA LEU A 91 22.43 -31.63 18.56
C LEU A 91 21.00 -31.13 18.74
N LEU A 92 20.20 -31.23 17.70
CA LEU A 92 18.84 -30.67 17.72
C LEU A 92 17.74 -31.64 18.09
N THR A 93 16.78 -31.13 18.86
CA THR A 93 15.58 -31.88 19.25
C THR A 93 14.36 -31.44 18.42
N PHE A 94 14.49 -30.29 17.77
CA PHE A 94 13.42 -29.74 16.91
C PHE A 94 13.99 -28.94 15.75
N GLY A 95 13.43 -29.13 14.57
CA GLY A 95 13.88 -28.41 13.38
C GLY A 95 15.22 -28.82 12.79
N PRO A 96 15.85 -27.95 11.98
CA PRO A 96 15.43 -26.58 11.58
C PRO A 96 14.09 -26.55 10.91
N SER A 97 13.13 -25.89 11.57
CA SER A 97 11.78 -25.74 11.05
C SER A 97 11.78 -24.43 10.28
N ILE A 98 11.70 -24.54 8.96
CA ILE A 98 11.78 -23.40 8.07
C ILE A 98 10.44 -22.94 7.53
N SER A 99 10.19 -21.63 7.63
CA SER A 99 9.00 -21.04 7.05
C SER A 99 9.47 -20.02 6.01
N LEU A 100 9.16 -20.27 4.74
CA LEU A 100 9.54 -19.37 3.67
C LEU A 100 8.34 -18.43 3.54
N ILE A 101 8.60 -17.13 3.68
CA ILE A 101 7.55 -16.15 3.64
C ILE A 101 7.84 -14.98 2.76
N THR A 102 6.79 -14.24 2.43
CA THR A 102 6.89 -13.07 1.60
C THR A 102 6.30 -11.89 2.34
N ARG A 103 6.86 -10.71 2.10
CA ARG A 103 6.39 -9.51 2.77
C ARG A 103 5.12 -8.95 2.14
N VAL A 104 4.07 -8.87 2.95
CA VAL A 104 2.78 -8.35 2.55
C VAL A 104 2.79 -6.83 2.67
N SER A 105 3.39 -6.31 3.75
CA SER A 105 3.47 -4.87 4.02
C SER A 105 4.54 -4.12 3.22
N ASP A 106 4.33 -2.83 3.02
CA ASP A 106 5.26 -1.96 2.29
C ASP A 106 6.12 -1.10 3.22
N SER B 9 21.71 -6.93 22.84
CA SER B 9 20.98 -7.56 23.99
C SER B 9 19.83 -6.74 24.61
N GLU B 10 19.83 -5.41 24.48
CA GLU B 10 18.73 -4.61 25.04
C GLU B 10 17.48 -4.70 24.17
N GLU B 11 17.71 -4.87 22.89
CA GLU B 11 16.62 -5.01 21.95
C GLU B 11 15.72 -6.16 22.26
N ARG B 12 14.49 -6.04 21.80
CA ARG B 12 13.50 -7.08 21.97
C ARG B 12 12.80 -7.24 20.65
N HIS B 13 12.81 -8.44 20.11
CA HIS B 13 12.15 -8.66 18.82
C HIS B 13 11.01 -9.61 19.05
N ILE B 14 10.04 -9.58 18.16
CA ILE B 14 8.89 -10.44 18.30
C ILE B 14 8.49 -11.12 17.03
N ILE B 15 8.26 -12.41 17.12
CA ILE B 15 7.69 -13.17 16.02
C ILE B 15 6.30 -13.49 16.53
N CYS B 16 5.30 -13.09 15.78
CA CYS B 16 3.92 -13.33 16.12
C CYS B 16 3.26 -14.08 14.99
N GLU B 17 2.83 -15.30 15.26
CA GLU B 17 2.18 -16.14 14.24
C GLU B 17 0.65 -16.12 14.36
N LEU B 18 -0.02 -16.03 13.21
CA LEU B 18 -1.47 -15.99 13.13
C LEU B 18 -1.91 -16.92 12.02
N ARG B 19 -2.99 -17.67 12.25
CA ARG B 19 -3.53 -18.57 11.22
C ARG B 19 -5.03 -18.39 11.17
N CYS B 20 -5.59 -18.60 9.99
CA CYS B 20 -7.02 -18.45 9.81
C CYS B 20 -7.52 -19.51 8.87
N GLU B 21 -8.84 -19.54 8.70
CA GLU B 21 -9.43 -20.42 7.75
C GLU B 21 -9.18 -19.78 6.38
N PRO B 22 -8.95 -20.61 5.36
CA PRO B 22 -8.75 -20.11 4.01
C PRO B 22 -9.73 -18.99 3.59
N GLU B 23 -10.99 -19.15 3.93
CA GLU B 23 -12.05 -18.19 3.56
C GLU B 23 -11.86 -16.80 4.11
N ASN B 24 -11.17 -16.67 5.23
CA ASN B 24 -10.96 -15.36 5.88
C ASN B 24 -9.58 -14.82 5.64
N ARG B 25 -8.86 -15.47 4.74
CA ARG B 25 -7.50 -15.09 4.43
C ARG B 25 -7.39 -13.62 4.01
N GLU B 26 -8.29 -13.16 3.14
CA GLU B 26 -8.20 -11.78 2.69
C GLU B 26 -8.59 -10.80 3.79
N ARG B 27 -9.63 -11.13 4.53
CA ARG B 27 -10.08 -10.26 5.61
C ARG B 27 -9.02 -10.13 6.71
N VAL B 28 -8.38 -11.24 7.06
CA VAL B 28 -7.34 -11.25 8.10
C VAL B 28 -6.17 -10.40 7.69
N LYS B 29 -5.78 -10.52 6.43
CA LYS B 29 -4.68 -9.71 5.88
C LYS B 29 -4.99 -8.17 6.00
N GLU B 30 -6.21 -7.78 5.64
CA GLU B 30 -6.61 -6.36 5.73
C GLU B 30 -6.53 -5.82 7.15
N LEU B 31 -7.02 -6.58 8.12
CA LEU B 31 -6.97 -6.12 9.52
C LEU B 31 -5.57 -5.98 10.06
N VAL B 32 -4.76 -7.01 9.85
CA VAL B 32 -3.40 -7.02 10.39
C VAL B 32 -2.60 -5.85 9.83
N LEU B 33 -2.83 -5.48 8.59
CA LEU B 33 -2.14 -4.32 8.01
C LEU B 33 -2.37 -3.06 8.83
N LYS B 34 -3.50 -2.99 9.52
CA LYS B 34 -3.82 -1.82 10.32
C LYS B 34 -2.84 -1.63 11.48
N PHE B 35 -2.26 -2.72 11.99
CA PHE B 35 -1.26 -2.60 13.04
C PHE B 35 -0.02 -1.91 12.55
N VAL B 36 0.24 -1.99 11.24
CA VAL B 36 1.53 -1.55 10.68
C VAL B 36 1.97 -0.12 10.90
N GLU B 37 1.30 0.85 10.30
CA GLU B 37 1.72 2.24 10.44
C GLU B 37 1.70 2.75 11.85
N PRO B 38 0.61 2.51 12.59
CA PRO B 38 0.56 2.99 13.96
C PRO B 38 1.67 2.38 14.83
N ALA B 39 2.06 1.13 14.56
CA ALA B 39 3.13 0.49 15.32
C ALA B 39 4.45 1.18 15.03
N ARG B 40 4.71 1.43 13.75
CA ARG B 40 5.96 2.07 13.35
C ARG B 40 6.11 3.46 13.96
N LEU B 41 5.00 4.10 14.32
CA LEU B 41 5.06 5.44 14.91
C LEU B 41 5.28 5.36 16.38
N GLU B 42 5.05 4.19 16.97
CA GLU B 42 5.27 4.05 18.40
C GLU B 42 6.72 4.31 18.68
N THR B 43 6.97 5.04 19.76
N THR B 43 6.97 5.04 19.75
CA THR B 43 8.31 5.33 20.20
CA THR B 43 8.33 5.34 20.20
C THR B 43 9.02 4.04 20.56
C THR B 43 9.03 4.04 20.58
N GLY B 44 10.22 3.87 20.03
CA GLY B 44 11.02 2.71 20.31
C GLY B 44 10.87 1.58 19.30
N CYS B 45 9.96 1.73 18.33
CA CYS B 45 9.80 0.71 17.31
C CYS B 45 10.95 0.78 16.32
N LEU B 46 11.69 -0.32 16.17
CA LEU B 46 12.80 -0.38 15.21
C LEU B 46 12.26 -0.71 13.82
N TYR B 47 11.35 -1.68 13.77
CA TYR B 47 10.73 -2.08 12.51
C TYR B 47 9.47 -2.87 12.83
N TYR B 48 8.58 -3.00 11.84
CA TYR B 48 7.36 -3.76 12.02
C TYR B 48 6.84 -4.12 10.62
N ASP B 49 6.69 -5.41 10.35
CA ASP B 49 6.24 -5.87 9.03
C ASP B 49 5.38 -7.11 9.11
N LEU B 50 4.49 -7.26 8.15
CA LEU B 50 3.61 -8.38 8.03
C LEU B 50 4.05 -9.27 6.87
N TYR B 51 4.02 -10.59 7.09
CA TYR B 51 4.41 -11.58 6.10
C TYR B 51 3.34 -12.68 5.99
N GLN B 52 3.38 -13.42 4.89
CA GLN B 52 2.45 -14.52 4.63
C GLN B 52 3.27 -15.74 4.22
N LYS B 53 2.95 -16.92 4.77
CA LYS B 53 3.75 -18.10 4.47
C LYS B 53 3.40 -18.56 3.04
N ILE B 54 4.41 -18.62 2.18
CA ILE B 54 4.20 -18.91 0.78
C ILE B 54 3.48 -20.23 0.49
N ASP B 55 3.90 -21.34 1.13
CA ASP B 55 3.24 -22.64 0.91
C ASP B 55 1.99 -22.87 1.76
N GLU B 56 1.73 -22.01 2.74
CA GLU B 56 0.52 -22.08 3.57
C GLU B 56 -0.03 -20.69 3.75
N PRO B 57 -0.63 -20.15 2.71
CA PRO B 57 -1.14 -18.77 2.76
C PRO B 57 -2.13 -18.45 3.89
N ASP B 58 -2.59 -19.46 4.64
CA ASP B 58 -3.51 -19.23 5.74
C ASP B 58 -2.76 -18.88 7.02
N THR B 59 -1.43 -18.75 6.88
CA THR B 59 -0.55 -18.45 7.98
C THR B 59 0.18 -17.14 7.76
N PHE B 60 0.12 -16.28 8.75
CA PHE B 60 0.80 -15.02 8.71
C PHE B 60 1.79 -14.90 9.85
N TYR B 61 2.77 -14.03 9.65
CA TYR B 61 3.72 -13.70 10.67
C TYR B 61 3.91 -12.24 10.68
N ILE B 62 4.01 -11.70 11.89
CA ILE B 62 4.35 -10.32 12.12
C ILE B 62 5.72 -10.40 12.77
N ILE B 63 6.67 -9.66 12.22
CA ILE B 63 8.03 -9.60 12.76
C ILE B 63 8.30 -8.13 13.05
N ASP B 64 8.56 -7.82 14.30
CA ASP B 64 8.80 -6.44 14.75
C ASP B 64 9.88 -6.36 15.82
N GLY B 65 10.60 -5.25 15.83
CA GLY B 65 11.69 -5.07 16.78
C GLY B 65 11.51 -3.81 17.60
N TRP B 66 11.93 -3.87 18.86
CA TRP B 66 11.81 -2.75 19.76
C TRP B 66 13.14 -2.38 20.46
N VAL B 67 13.37 -1.10 20.71
CA VAL B 67 14.63 -0.64 21.35
C VAL B 67 14.89 -1.30 22.71
N ASN B 68 13.82 -1.56 23.46
CA ASN B 68 13.97 -2.17 24.77
C ASN B 68 12.66 -2.72 25.30
N GLN B 69 12.76 -3.39 26.44
CA GLN B 69 11.61 -4.01 27.09
C GLN B 69 10.45 -3.05 27.35
N GLU B 70 10.78 -1.81 27.70
CA GLU B 70 9.74 -0.81 27.98
C GLU B 70 8.93 -0.50 26.74
N ALA B 71 9.62 -0.36 25.62
CA ALA B 71 8.95 -0.05 24.34
C ALA B 71 8.04 -1.17 23.89
N VAL B 72 8.52 -2.40 24.01
CA VAL B 72 7.69 -3.52 23.58
C VAL B 72 6.52 -3.73 24.55
N THR B 73 6.76 -3.48 25.83
CA THR B 73 5.67 -3.61 26.80
C THR B 73 4.61 -2.57 26.55
N SER B 74 5.04 -1.32 26.38
CA SER B 74 4.14 -0.23 26.10
C SER B 74 3.34 -0.58 24.84
N HIS B 75 3.98 -1.31 23.93
CA HIS B 75 3.32 -1.73 22.69
C HIS B 75 2.26 -2.77 22.92
N ALA B 76 2.59 -3.77 23.75
CA ALA B 76 1.65 -4.82 24.02
C ALA B 76 0.39 -4.25 24.70
N GLU B 77 0.59 -3.20 25.51
CA GLU B 77 -0.52 -2.57 26.24
C GLU B 77 -1.28 -1.49 25.45
N ASN B 78 -0.85 -1.22 24.22
CA ASN B 78 -1.45 -0.16 23.39
C ASN B 78 -2.93 -0.38 23.03
N PRO B 79 -3.76 0.66 23.17
CA PRO B 79 -5.19 0.56 22.87
C PRO B 79 -5.48 0.25 21.42
N HIS B 80 -4.68 0.80 20.51
CA HIS B 80 -4.88 0.52 19.10
C HIS B 80 -4.65 -0.97 18.83
N VAL B 81 -3.63 -1.53 19.48
CA VAL B 81 -3.31 -2.94 19.31
C VAL B 81 -4.47 -3.78 19.79
N ALA B 82 -4.98 -3.46 20.98
CA ALA B 82 -6.12 -4.18 21.53
C ALA B 82 -7.40 -4.06 20.67
N GLU B 83 -7.63 -2.88 20.10
CA GLU B 83 -8.82 -2.66 19.25
C GLU B 83 -8.80 -3.55 18.01
N VAL B 84 -7.67 -3.58 17.33
CA VAL B 84 -7.52 -4.40 16.14
C VAL B 84 -7.55 -5.87 16.54
N MET B 85 -7.00 -6.18 17.70
CA MET B 85 -6.98 -7.55 18.15
C MET B 85 -8.40 -8.04 18.40
N SER B 86 -9.26 -7.14 18.86
CA SER B 86 -10.65 -7.47 19.11
C SER B 86 -11.39 -7.91 17.83
N ASP B 87 -11.12 -7.24 16.72
CA ASP B 87 -11.76 -7.58 15.43
C ASP B 87 -11.18 -8.85 14.84
N LEU B 88 -9.89 -9.02 15.05
CA LEU B 88 -9.15 -10.15 14.52
C LEU B 88 -9.43 -11.48 15.18
N GLN B 89 -9.53 -11.48 16.50
CA GLN B 89 -9.71 -12.68 17.30
C GLN B 89 -10.75 -13.65 16.76
N PRO B 90 -11.94 -13.18 16.37
CA PRO B 90 -12.94 -14.11 15.82
C PRO B 90 -12.59 -14.72 14.46
N LEU B 91 -11.66 -14.13 13.74
CA LEU B 91 -11.27 -14.66 12.42
C LEU B 91 -10.11 -15.65 12.52
N LEU B 92 -9.47 -15.72 13.68
CA LEU B 92 -8.31 -16.59 13.84
C LEU B 92 -8.58 -17.96 14.39
N THR B 93 -7.86 -18.94 13.85
CA THR B 93 -7.93 -20.34 14.33
C THR B 93 -6.71 -20.67 15.19
N PHE B 94 -5.68 -19.82 15.11
CA PHE B 94 -4.45 -19.99 15.88
C PHE B 94 -3.83 -18.64 16.20
N GLY B 95 -3.34 -18.52 17.42
CA GLY B 95 -2.66 -17.31 17.85
C GLY B 95 -3.57 -16.12 18.02
N PRO B 96 -2.98 -14.92 18.03
CA PRO B 96 -1.55 -14.58 17.87
C PRO B 96 -0.60 -15.27 18.85
N SER B 97 0.26 -16.12 18.31
CA SER B 97 1.25 -16.83 19.09
C SER B 97 2.49 -15.96 19.05
N ILE B 98 2.86 -15.40 20.21
CA ILE B 98 4.00 -14.49 20.32
C ILE B 98 5.26 -15.10 20.92
N SER B 99 6.38 -14.89 20.26
CA SER B 99 7.68 -15.30 20.75
C SER B 99 8.51 -14.04 20.93
N LEU B 100 8.89 -13.76 22.18
CA LEU B 100 9.74 -12.62 22.47
C LEU B 100 11.17 -13.13 22.43
N ILE B 101 12.01 -12.53 21.59
CA ILE B 101 13.37 -12.98 21.39
C ILE B 101 14.39 -11.86 21.45
N THR B 102 15.63 -12.25 21.67
CA THR B 102 16.73 -11.29 21.72
C THR B 102 17.77 -11.68 20.69
N ARG B 103 18.45 -10.69 20.12
CA ARG B 103 19.47 -10.93 19.10
C ARG B 103 20.78 -11.45 19.69
N VAL B 104 21.17 -12.66 19.26
CA VAL B 104 22.40 -13.32 19.71
C VAL B 104 23.60 -12.88 18.89
N SER B 105 23.44 -12.92 17.57
CA SER B 105 24.50 -12.51 16.65
C SER B 105 24.63 -10.99 16.64
N MET C 4 -4.36 -7.48 -18.27
CA MET C 4 -4.93 -6.63 -17.17
C MET C 4 -4.24 -5.25 -17.17
N GLN C 5 -2.96 -5.26 -17.55
CA GLN C 5 -2.17 -4.03 -17.67
C GLN C 5 -2.47 -3.40 -19.03
N LYS C 6 -2.75 -4.23 -20.04
CA LYS C 6 -3.13 -3.73 -21.36
C LYS C 6 -4.55 -3.13 -21.25
N ILE C 7 -5.34 -3.67 -20.35
CA ILE C 7 -6.69 -3.16 -20.09
C ILE C 7 -6.56 -1.77 -19.44
N LYS C 8 -5.81 -1.71 -18.34
CA LYS C 8 -5.57 -0.46 -17.64
C LYS C 8 -5.11 0.64 -18.58
N SER C 9 -3.98 0.42 -19.24
CA SER C 9 -3.39 1.41 -20.13
C SER C 9 -4.29 1.82 -21.28
N GLU C 10 -5.27 0.98 -21.63
CA GLU C 10 -6.14 1.32 -22.76
C GLU C 10 -7.21 2.32 -22.31
N GLU C 11 -7.58 2.31 -21.04
CA GLU C 11 -8.56 3.27 -20.55
C GLU C 11 -8.15 4.72 -20.76
N ARG C 12 -9.15 5.57 -20.85
CA ARG C 12 -8.94 7.01 -21.02
C ARG C 12 -9.91 7.70 -20.12
N HIS C 13 -9.40 8.57 -19.25
CA HIS C 13 -10.27 9.26 -18.32
C HIS C 13 -10.17 10.72 -18.63
N ILE C 14 -11.20 11.47 -18.28
CA ILE C 14 -11.20 12.88 -18.53
C ILE C 14 -11.63 13.72 -17.33
N ILE C 15 -10.84 14.75 -17.04
CA ILE C 15 -11.23 15.75 -16.07
C ILE C 15 -11.57 16.96 -16.97
N CYS C 16 -12.78 17.48 -16.83
CA CYS C 16 -13.22 18.66 -17.56
C CYS C 16 -13.69 19.74 -16.57
N GLU C 17 -12.96 20.86 -16.47
CA GLU C 17 -13.32 21.95 -15.57
C GLU C 17 -14.11 23.07 -16.28
N LEU C 18 -15.16 23.55 -15.62
CA LEU C 18 -16.07 24.59 -16.13
C LEU C 18 -16.34 25.59 -15.02
N ARG C 19 -16.35 26.88 -15.35
CA ARG C 19 -16.68 27.91 -14.36
C ARG C 19 -17.66 28.89 -14.99
N CYS C 20 -18.52 29.46 -14.16
CA CYS C 20 -19.50 30.42 -14.62
C CYS C 20 -19.69 31.51 -13.60
N GLU C 21 -20.50 32.48 -13.94
CA GLU C 21 -20.82 33.57 -13.03
C GLU C 21 -21.91 33.09 -12.13
N PRO C 22 -21.94 33.60 -10.89
CA PRO C 22 -22.90 33.22 -9.89
C PRO C 22 -24.33 33.16 -10.40
N GLU C 23 -24.69 34.14 -11.21
CA GLU C 23 -26.04 34.24 -11.76
C GLU C 23 -26.45 33.11 -12.68
N ASN C 24 -25.47 32.48 -13.32
CA ASN C 24 -25.76 31.39 -14.24
C ASN C 24 -25.47 30.03 -13.65
N ARG C 25 -25.18 29.98 -12.35
CA ARG C 25 -24.83 28.75 -11.65
C ARG C 25 -25.90 27.68 -11.83
N GLU C 26 -27.16 28.05 -11.65
CA GLU C 26 -28.25 27.09 -11.75
C GLU C 26 -28.47 26.66 -13.19
N ARG C 27 -28.44 27.62 -14.11
CA ARG C 27 -28.61 27.30 -15.51
C ARG C 27 -27.49 26.40 -16.04
N VAL C 28 -26.25 26.69 -15.66
CA VAL C 28 -25.10 25.87 -16.09
C VAL C 28 -25.22 24.45 -15.58
N LYS C 29 -25.61 24.31 -14.32
CA LYS C 29 -25.78 23.00 -13.69
C LYS C 29 -26.84 22.18 -14.44
N GLU C 30 -27.95 22.81 -14.78
CA GLU C 30 -29.03 22.15 -15.48
C GLU C 30 -28.55 21.62 -16.81
N LEU C 31 -27.85 22.43 -17.59
CA LEU C 31 -27.38 22.00 -18.89
C LEU C 31 -26.39 20.84 -18.81
N VAL C 32 -25.38 20.99 -17.95
CA VAL C 32 -24.35 19.96 -17.83
C VAL C 32 -24.96 18.62 -17.42
N LEU C 33 -25.98 18.63 -16.57
CA LEU C 33 -26.64 17.39 -16.19
C LEU C 33 -27.18 16.63 -17.38
N LYS C 34 -27.52 17.35 -18.45
CA LYS C 34 -28.04 16.73 -19.66
C LYS C 34 -27.02 15.80 -20.27
N PHE C 35 -25.73 16.10 -20.14
CA PHE C 35 -24.71 15.22 -20.69
C PHE C 35 -24.69 13.87 -19.98
N VAL C 36 -25.16 13.83 -18.72
CA VAL C 36 -25.00 12.64 -17.88
C VAL C 36 -25.58 11.31 -18.32
N GLU C 37 -26.91 11.15 -18.33
CA GLU C 37 -27.48 9.89 -18.71
C GLU C 37 -27.16 9.46 -20.13
N PRO C 38 -27.20 10.39 -21.11
CA PRO C 38 -26.85 10.00 -22.48
C PRO C 38 -25.39 9.53 -22.61
N ALA C 39 -24.50 10.13 -21.83
CA ALA C 39 -23.07 9.76 -21.85
C ALA C 39 -22.90 8.36 -21.28
N ARG C 40 -23.55 8.09 -20.15
CA ARG C 40 -23.47 6.77 -19.54
C ARG C 40 -24.02 5.66 -20.46
N LEU C 41 -24.88 6.02 -21.40
CA LEU C 41 -25.49 5.06 -22.30
C LEU C 41 -24.55 4.80 -23.48
N GLU C 42 -23.58 5.70 -23.69
CA GLU C 42 -22.63 5.50 -24.78
C GLU C 42 -21.94 4.18 -24.40
N THR C 43 -21.82 3.27 -25.35
CA THR C 43 -21.31 1.89 -25.00
C THR C 43 -20.00 1.62 -24.21
N GLY C 44 -18.92 2.33 -24.55
CA GLY C 44 -17.59 2.24 -23.89
C GLY C 44 -17.42 3.16 -22.70
N CYS C 45 -18.51 3.76 -22.23
CA CYS C 45 -18.44 4.63 -21.07
C CYS C 45 -18.33 3.79 -19.82
N LEU C 46 -17.29 4.04 -19.02
CA LEU C 46 -17.12 3.34 -17.74
C LEU C 46 -17.91 4.06 -16.67
N TYR C 47 -17.80 5.39 -16.64
CA TYR C 47 -18.51 6.21 -15.66
C TYR C 47 -18.56 7.66 -16.15
N TYR C 48 -19.45 8.47 -15.58
CA TYR C 48 -19.60 9.87 -15.97
C TYR C 48 -20.37 10.57 -14.87
N ASP C 49 -19.74 11.55 -14.23
CA ASP C 49 -20.37 12.28 -13.13
C ASP C 49 -20.01 13.76 -13.15
N LEU C 50 -20.93 14.58 -12.66
CA LEU C 50 -20.76 15.99 -12.55
C LEU C 50 -20.51 16.34 -11.09
N TYR C 51 -19.54 17.23 -10.85
CA TYR C 51 -19.24 17.66 -9.51
C TYR C 51 -19.21 19.17 -9.44
N GLN C 52 -19.29 19.67 -8.22
CA GLN C 52 -19.27 21.08 -7.93
C GLN C 52 -18.24 21.30 -6.83
N LYS C 53 -17.42 22.32 -6.97
CA LYS C 53 -16.42 22.60 -5.97
C LYS C 53 -17.12 23.20 -4.73
N ILE C 54 -16.90 22.56 -3.59
CA ILE C 54 -17.54 22.96 -2.32
C ILE C 54 -17.33 24.42 -1.90
N ASP C 55 -16.10 24.92 -1.94
CA ASP C 55 -15.82 26.31 -1.55
C ASP C 55 -15.99 27.33 -2.68
N GLU C 56 -16.17 26.86 -3.91
CA GLU C 56 -16.38 27.73 -5.07
C GLU C 56 -17.47 27.12 -5.94
N PRO C 57 -18.73 27.22 -5.50
CA PRO C 57 -19.83 26.65 -6.24
C PRO C 57 -20.00 27.11 -7.70
N ASP C 58 -19.24 28.12 -8.13
CA ASP C 58 -19.30 28.54 -9.53
C ASP C 58 -18.37 27.69 -10.41
N THR C 59 -17.74 26.67 -9.80
CA THR C 59 -16.78 25.79 -10.49
C THR C 59 -17.26 24.35 -10.51
N PHE C 60 -17.34 23.80 -11.72
CA PHE C 60 -17.79 22.47 -11.91
C PHE C 60 -16.71 21.61 -12.55
N TYR C 61 -16.80 20.32 -12.29
CA TYR C 61 -15.91 19.36 -12.86
C TYR C 61 -16.71 18.22 -13.33
N ILE C 62 -16.39 17.74 -14.51
CA ILE C 62 -16.99 16.54 -15.06
C ILE C 62 -15.84 15.53 -15.06
N ILE C 63 -16.07 14.38 -14.47
CA ILE C 63 -15.07 13.32 -14.43
C ILE C 63 -15.72 12.11 -15.06
N ASP C 64 -15.12 11.61 -16.13
CA ASP C 64 -15.67 10.45 -16.86
C ASP C 64 -14.58 9.53 -17.38
N GLY C 65 -14.90 8.24 -17.49
CA GLY C 65 -13.91 7.24 -17.95
C GLY C 65 -14.39 6.43 -19.12
N TRP C 66 -13.47 6.06 -20.00
CA TRP C 66 -13.82 5.35 -21.21
C TRP C 66 -12.96 4.09 -21.45
N VAL C 67 -13.55 3.04 -22.03
CA VAL C 67 -12.82 1.78 -22.28
C VAL C 67 -11.56 1.98 -23.15
N ASN C 68 -11.61 2.93 -24.08
CA ASN C 68 -10.48 3.19 -24.96
C ASN C 68 -10.60 4.50 -25.71
N GLN C 69 -9.53 4.84 -26.44
CA GLN C 69 -9.43 6.05 -27.26
C GLN C 69 -10.61 6.25 -28.19
N GLU C 70 -11.05 5.16 -28.78
CA GLU C 70 -12.12 5.19 -29.76
C GLU C 70 -13.44 5.57 -29.11
N ALA C 71 -13.69 5.05 -27.92
CA ALA C 71 -14.91 5.39 -27.19
C ALA C 71 -14.91 6.86 -26.77
N VAL C 72 -13.79 7.37 -26.27
CA VAL C 72 -13.75 8.77 -25.84
C VAL C 72 -13.78 9.71 -27.07
N THR C 73 -13.16 9.30 -28.16
CA THR C 73 -13.19 10.10 -29.39
C THR C 73 -14.62 10.12 -29.96
N SER C 74 -15.27 8.96 -30.02
CA SER C 74 -16.65 8.84 -30.48
C SER C 74 -17.53 9.72 -29.60
N HIS C 75 -17.17 9.82 -28.31
CA HIS C 75 -17.90 10.65 -27.37
C HIS C 75 -17.72 12.14 -27.65
N ALA C 76 -16.49 12.56 -27.89
CA ALA C 76 -16.23 13.97 -28.19
C ALA C 76 -16.94 14.39 -29.49
N GLU C 77 -17.10 13.46 -30.42
CA GLU C 77 -17.75 13.74 -31.71
C GLU C 77 -19.27 13.57 -31.68
N ASN C 78 -19.82 13.14 -30.56
CA ASN C 78 -21.26 12.92 -30.43
C ASN C 78 -22.06 14.20 -30.64
N PRO C 79 -23.11 14.15 -31.48
CA PRO C 79 -23.96 15.32 -31.74
C PRO C 79 -24.65 15.89 -30.52
N HIS C 80 -25.11 15.02 -29.63
CA HIS C 80 -25.79 15.51 -28.44
C HIS C 80 -24.75 16.27 -27.56
N VAL C 81 -23.50 15.80 -27.53
CA VAL C 81 -22.46 16.50 -26.75
C VAL C 81 -22.21 17.88 -27.32
N ALA C 82 -22.08 17.94 -28.64
CA ALA C 82 -21.84 19.21 -29.30
C ALA C 82 -23.02 20.17 -29.12
N GLU C 83 -24.23 19.64 -29.17
CA GLU C 83 -25.45 20.43 -29.04
C GLU C 83 -25.54 21.11 -27.65
N VAL C 84 -25.27 20.35 -26.60
CA VAL C 84 -25.27 20.86 -25.22
C VAL C 84 -24.07 21.81 -25.05
N MET C 85 -22.96 21.49 -25.68
CA MET C 85 -21.77 22.34 -25.61
C MET C 85 -22.06 23.71 -26.21
N SER C 86 -22.87 23.73 -27.25
CA SER C 86 -23.22 24.98 -27.93
C SER C 86 -23.99 25.93 -27.01
N ASP C 87 -24.91 25.37 -26.22
CA ASP C 87 -25.71 26.17 -25.30
C ASP C 87 -24.90 26.64 -24.10
N LEU C 88 -23.99 25.79 -23.66
CA LEU C 88 -23.11 26.06 -22.52
C LEU C 88 -22.08 27.17 -22.71
N GLN C 89 -21.38 27.13 -23.84
CA GLN C 89 -20.32 28.11 -24.14
C GLN C 89 -20.57 29.56 -23.76
N PRO C 90 -21.76 30.11 -24.10
CA PRO C 90 -22.02 31.50 -23.74
C PRO C 90 -22.21 31.75 -22.24
N LEU C 91 -22.47 30.71 -21.46
CA LEU C 91 -22.67 30.85 -20.03
C LEU C 91 -21.37 30.70 -19.25
N LEU C 92 -20.31 30.26 -19.92
CA LEU C 92 -19.06 29.98 -19.24
C LEU C 92 -18.03 31.10 -19.26
N THR C 93 -17.35 31.27 -18.12
CA THR C 93 -16.26 32.25 -17.96
C THR C 93 -14.90 31.56 -18.03
N PHE C 94 -14.92 30.24 -17.91
CA PHE C 94 -13.72 29.41 -18.05
C PHE C 94 -14.25 28.19 -18.82
N GLY C 95 -14.01 28.19 -20.14
CA GLY C 95 -14.50 27.18 -21.13
C GLY C 95 -14.07 25.77 -20.77
N PRO C 96 -14.85 24.74 -21.19
CA PRO C 96 -14.41 23.44 -20.68
C PRO C 96 -12.93 23.16 -20.87
N SER C 97 -12.20 23.13 -19.76
CA SER C 97 -10.77 22.84 -19.77
C SER C 97 -10.65 21.34 -19.58
N ILE C 98 -10.23 20.65 -20.63
CA ILE C 98 -10.16 19.19 -20.65
C ILE C 98 -8.77 18.60 -20.43
N SER C 99 -8.67 17.64 -19.52
CA SER C 99 -7.41 16.90 -19.30
C SER C 99 -7.67 15.43 -19.58
N LEU C 100 -7.01 14.90 -20.61
CA LEU C 100 -7.15 13.49 -20.96
C LEU C 100 -6.05 12.79 -20.21
N ILE C 101 -6.42 11.80 -19.39
CA ILE C 101 -5.45 11.10 -18.56
C ILE C 101 -5.59 9.60 -18.62
N THR C 102 -4.53 8.90 -18.20
CA THR C 102 -4.50 7.45 -18.17
C THR C 102 -4.20 6.99 -16.77
N ARG C 103 -4.77 5.84 -16.39
CA ARG C 103 -4.57 5.29 -15.05
C ARG C 103 -3.22 4.58 -14.92
N VAL C 104 -2.43 5.05 -13.95
CA VAL C 104 -1.13 4.48 -13.63
C VAL C 104 -1.29 3.33 -12.64
N SER C 105 -2.18 3.49 -11.67
CA SER C 105 -2.41 2.47 -10.64
C SER C 105 -3.27 1.28 -11.07
N ASP C 106 -2.93 0.07 -10.61
CA ASP C 106 -3.73 -1.14 -10.87
C ASP C 106 -4.91 -1.21 -9.87
N SER D 9 -23.65 14.06 -2.24
CA SER D 9 -24.15 14.94 -1.15
C SER D 9 -23.24 14.83 0.10
N GLU D 10 -23.33 13.70 0.79
CA GLU D 10 -22.44 13.47 1.95
C GLU D 10 -21.03 13.12 1.50
N GLU D 11 -20.95 12.48 0.35
CA GLU D 11 -19.65 12.10 -0.20
C GLU D 11 -18.75 13.29 -0.42
N ARG D 12 -17.47 13.00 -0.43
CA ARG D 12 -16.47 14.02 -0.69
C ARG D 12 -15.49 13.42 -1.65
N HIS D 13 -15.25 14.08 -2.76
CA HIS D 13 -14.30 13.59 -3.73
C HIS D 13 -13.18 14.57 -3.82
N ILE D 14 -12.03 14.10 -4.26
CA ILE D 14 -10.87 14.96 -4.38
C ILE D 14 -10.13 14.80 -5.67
N ILE D 15 -9.83 15.93 -6.29
CA ILE D 15 -8.95 15.95 -7.44
C ILE D 15 -7.69 16.62 -6.88
N CYS D 16 -6.57 15.93 -6.99
CA CYS D 16 -5.29 16.41 -6.50
C CYS D 16 -4.30 16.41 -7.65
N GLU D 17 -3.84 17.59 -8.05
CA GLU D 17 -2.88 17.73 -9.13
C GLU D 17 -1.46 17.90 -8.63
N LEU D 18 -0.52 17.22 -9.30
CA LEU D 18 0.91 17.24 -8.98
C LEU D 18 1.69 17.38 -10.26
N ARG D 19 2.74 18.19 -10.24
CA ARG D 19 3.58 18.33 -11.40
C ARG D 19 5.04 18.28 -10.97
N CYS D 20 5.89 17.80 -11.88
CA CYS D 20 7.30 17.71 -11.58
C CYS D 20 8.11 18.05 -12.81
N GLU D 21 9.42 18.06 -12.63
CA GLU D 21 10.32 18.28 -13.71
C GLU D 21 10.38 16.96 -14.45
N PRO D 22 10.51 17.01 -15.79
CA PRO D 22 10.62 15.83 -16.61
C PRO D 22 11.57 14.77 -16.03
N GLU D 23 12.72 15.21 -15.52
CA GLU D 23 13.74 14.32 -14.97
C GLU D 23 13.32 13.50 -13.77
N ASN D 24 12.33 13.98 -13.02
CA ASN D 24 11.84 13.29 -11.83
C ASN D 24 10.52 12.58 -12.06
N ARG D 25 10.11 12.52 -13.32
CA ARG D 25 8.84 11.93 -13.67
C ARG D 25 8.69 10.48 -13.17
N GLU D 26 9.70 9.67 -13.40
CA GLU D 26 9.59 8.28 -12.96
C GLU D 26 9.64 8.19 -11.43
N ARG D 27 10.53 8.95 -10.80
CA ARG D 27 10.62 8.92 -9.34
C ARG D 27 9.31 9.38 -8.68
N VAL D 28 8.70 10.44 -9.22
CA VAL D 28 7.43 10.96 -8.66
C VAL D 28 6.33 9.96 -8.78
N LYS D 29 6.27 9.27 -9.92
CA LYS D 29 5.28 8.22 -10.15
C LYS D 29 5.41 7.09 -9.11
N GLU D 30 6.65 6.65 -8.86
CA GLU D 30 6.90 5.59 -7.87
C GLU D 30 6.41 5.97 -6.49
N LEU D 31 6.73 7.18 -6.04
CA LEU D 31 6.30 7.60 -4.69
C LEU D 31 4.79 7.72 -4.54
N VAL D 32 4.15 8.39 -5.49
CA VAL D 32 2.70 8.57 -5.43
C VAL D 32 1.95 7.25 -5.40
N LEU D 33 2.46 6.25 -6.11
CA LEU D 33 1.82 4.92 -6.07
C LEU D 33 1.74 4.39 -4.66
N LYS D 34 2.66 4.82 -3.81
CA LYS D 34 2.69 4.32 -2.42
C LYS D 34 1.47 4.76 -1.64
N PHE D 35 0.87 5.89 -2.01
CA PHE D 35 -0.37 6.31 -1.35
C PHE D 35 -1.51 5.37 -1.65
N VAL D 36 -1.44 4.69 -2.79
CA VAL D 36 -2.59 3.91 -3.29
C VAL D 36 -3.20 2.83 -2.42
N GLU D 37 -2.49 1.72 -2.21
CA GLU D 37 -3.05 0.64 -1.43
C GLU D 37 -3.40 1.01 0.02
N PRO D 38 -2.52 1.73 0.72
CA PRO D 38 -2.85 2.13 2.07
C PRO D 38 -4.10 3.04 2.14
N ALA D 39 -4.31 3.88 1.12
CA ALA D 39 -5.47 4.77 1.07
C ALA D 39 -6.73 3.96 0.89
N ARG D 40 -6.69 2.99 -0.01
CA ARG D 40 -7.83 2.14 -0.24
C ARG D 40 -8.27 1.34 1.00
N LEU D 41 -7.34 1.12 1.94
CA LEU D 41 -7.65 0.38 3.17
C LEU D 41 -8.20 1.31 4.24
N GLU D 42 -8.05 2.61 4.04
CA GLU D 42 -8.59 3.54 5.01
C GLU D 42 -10.09 3.39 5.01
N THR D 43 -10.67 3.37 6.21
CA THR D 43 -12.10 3.26 6.37
C THR D 43 -12.74 4.49 5.77
N GLY D 44 -13.75 4.25 4.95
CA GLY D 44 -14.48 5.30 4.30
C GLY D 44 -14.01 5.63 2.91
N CYS D 45 -12.91 5.01 2.45
CA CYS D 45 -12.41 5.26 1.11
C CYS D 45 -13.27 4.55 0.10
N LEU D 46 -13.86 5.30 -0.82
CA LEU D 46 -14.71 4.71 -1.85
C LEU D 46 -13.83 4.23 -3.00
N TYR D 47 -12.86 5.06 -3.40
CA TYR D 47 -11.94 4.70 -4.47
C TYR D 47 -10.72 5.62 -4.39
N TYR D 48 -9.62 5.21 -5.00
CA TYR D 48 -8.38 6.00 -4.99
C TYR D 48 -7.53 5.53 -6.15
N ASP D 49 -7.23 6.43 -7.09
CA ASP D 49 -6.44 6.06 -8.27
C ASP D 49 -5.52 7.20 -8.71
N LEU D 50 -4.39 6.83 -9.29
CA LEU D 50 -3.40 7.76 -9.80
C LEU D 50 -3.49 7.79 -11.33
N TYR D 51 -3.40 9.00 -11.90
CA TYR D 51 -3.44 9.20 -13.34
C TYR D 51 -2.31 10.11 -13.78
N GLN D 52 -1.99 10.04 -15.07
CA GLN D 52 -0.93 10.86 -15.66
C GLN D 52 -1.54 11.56 -16.86
N LYS D 53 -1.25 12.84 -17.04
CA LYS D 53 -1.82 13.55 -18.17
C LYS D 53 -1.09 13.08 -19.46
N ILE D 54 -1.85 12.59 -20.43
CA ILE D 54 -1.28 12.05 -21.63
C ILE D 54 -0.40 12.99 -22.43
N ASP D 55 -0.86 14.21 -22.70
CA ASP D 55 -0.07 15.20 -23.47
C ASP D 55 0.96 15.98 -22.64
N GLU D 56 0.88 15.90 -21.32
N GLU D 56 0.83 15.95 -21.31
CA GLU D 56 1.90 16.55 -20.44
CA GLU D 56 1.80 16.56 -20.38
C GLU D 56 2.24 15.55 -19.34
C GLU D 56 2.18 15.52 -19.34
N PRO D 57 3.04 14.54 -19.68
CA PRO D 57 3.38 13.47 -18.69
C PRO D 57 4.03 13.92 -17.37
N ASP D 58 4.39 15.19 -17.27
CA ASP D 58 5.00 15.73 -16.07
C ASP D 58 3.90 16.12 -15.07
N THR D 59 2.64 15.86 -15.45
CA THR D 59 1.49 16.18 -14.63
C THR D 59 0.74 14.93 -14.22
N PHE D 60 0.50 14.81 -12.93
CA PHE D 60 -0.26 13.71 -12.39
C PHE D 60 -1.51 14.21 -11.66
N TYR D 61 -2.50 13.34 -11.60
CA TYR D 61 -3.72 13.61 -10.88
C TYR D 61 -4.05 12.39 -10.05
N ILE D 62 -4.51 12.65 -8.84
CA ILE D 62 -4.98 11.62 -7.93
C ILE D 62 -6.46 11.94 -7.79
N ILE D 63 -7.31 10.96 -8.08
CA ILE D 63 -8.74 11.12 -7.95
C ILE D 63 -9.20 10.07 -6.95
N ASP D 64 -9.80 10.54 -5.86
CA ASP D 64 -10.25 9.66 -4.78
C ASP D 64 -11.56 10.13 -4.19
N GLY D 65 -12.35 9.19 -3.69
CA GLY D 65 -13.64 9.51 -3.09
C GLY D 65 -13.75 8.98 -1.67
N TRP D 66 -14.47 9.72 -0.83
CA TRP D 66 -14.66 9.35 0.54
C TRP D 66 -16.14 9.37 0.98
N VAL D 67 -16.52 8.46 1.87
CA VAL D 67 -17.92 8.37 2.33
C VAL D 67 -18.44 9.68 2.94
N ASN D 68 -17.56 10.42 3.62
CA ASN D 68 -17.95 11.65 4.25
C ASN D 68 -16.76 12.48 4.65
N GLN D 69 -17.06 13.69 5.14
CA GLN D 69 -16.05 14.65 5.57
C GLN D 69 -15.05 14.10 6.58
N GLU D 70 -15.54 13.27 7.50
CA GLU D 70 -14.69 12.71 8.52
C GLU D 70 -13.66 11.79 7.93
N ALA D 71 -14.10 10.97 6.99
CA ALA D 71 -13.18 10.04 6.34
C ALA D 71 -12.11 10.75 5.55
N VAL D 72 -12.50 11.80 4.83
CA VAL D 72 -11.48 12.51 4.06
C VAL D 72 -10.55 13.32 4.97
N THR D 73 -11.08 13.82 6.07
CA THR D 73 -10.25 14.54 7.00
C THR D 73 -9.25 13.59 7.67
N SER D 74 -9.74 12.45 8.12
CA SER D 74 -8.92 11.42 8.75
C SER D 74 -7.82 11.04 7.77
N HIS D 75 -8.15 11.08 6.48
CA HIS D 75 -7.19 10.76 5.43
C HIS D 75 -6.11 11.81 5.28
N ALA D 76 -6.52 13.08 5.28
CA ALA D 76 -5.58 14.17 5.16
C ALA D 76 -4.62 14.18 6.36
N GLU D 77 -5.09 13.73 7.52
CA GLU D 77 -4.26 13.70 8.74
C GLU D 77 -3.44 12.41 8.92
N ASN D 78 -3.55 11.48 8.00
CA ASN D 78 -2.87 10.18 8.13
C ASN D 78 -1.32 10.25 8.08
N PRO D 79 -0.64 9.54 9.02
CA PRO D 79 0.83 9.53 9.08
C PRO D 79 1.49 8.97 7.83
N HIS D 80 0.89 7.95 7.24
CA HIS D 80 1.47 7.39 6.02
C HIS D 80 1.42 8.42 4.91
N VAL D 81 0.31 9.15 4.84
CA VAL D 81 0.18 10.21 3.84
C VAL D 81 1.27 11.25 4.04
N ALA D 82 1.45 11.69 5.29
CA ALA D 82 2.47 12.71 5.60
C ALA D 82 3.88 12.23 5.30
N GLU D 83 4.18 10.98 5.62
CA GLU D 83 5.50 10.43 5.35
C GLU D 83 5.86 10.45 3.85
N VAL D 84 4.92 9.98 3.02
CA VAL D 84 5.13 9.97 1.56
C VAL D 84 5.16 11.40 1.05
N MET D 85 4.36 12.26 1.64
CA MET D 85 4.33 13.65 1.23
C MET D 85 5.68 14.31 1.50
N SER D 86 6.35 13.88 2.57
CA SER D 86 7.65 14.45 2.94
C SER D 86 8.73 14.16 1.88
N ASP D 87 8.69 12.96 1.32
CA ASP D 87 9.63 12.56 0.27
C ASP D 87 9.30 13.22 -1.06
N LEU D 88 8.00 13.35 -1.33
CA LEU D 88 7.50 13.92 -2.57
C LEU D 88 7.69 15.40 -2.75
N GLN D 89 7.45 16.16 -1.69
CA GLN D 89 7.49 17.60 -1.71
C GLN D 89 8.69 18.19 -2.44
N PRO D 90 9.92 17.68 -2.19
CA PRO D 90 11.07 18.25 -2.90
C PRO D 90 11.13 17.92 -4.39
N LEU D 91 10.38 16.92 -4.85
CA LEU D 91 10.39 16.55 -6.25
C LEU D 91 9.34 17.30 -7.06
N LEU D 92 8.44 17.99 -6.37
CA LEU D 92 7.35 18.68 -7.02
C LEU D 92 7.59 20.14 -7.33
N THR D 93 7.11 20.57 -8.49
CA THR D 93 7.19 21.98 -8.93
C THR D 93 5.84 22.64 -8.75
N PHE D 94 4.79 21.82 -8.57
CA PHE D 94 3.44 22.29 -8.39
C PHE D 94 2.65 21.34 -7.51
N GLY D 95 1.85 21.90 -6.61
CA GLY D 95 0.97 21.12 -5.76
C GLY D 95 1.70 20.32 -4.71
N PRO D 96 1.04 19.29 -4.15
CA PRO D 96 -0.32 18.80 -4.43
C PRO D 96 -1.42 19.85 -4.30
N SER D 97 -2.06 20.16 -5.43
CA SER D 97 -3.14 21.13 -5.46
C SER D 97 -4.42 20.33 -5.32
N ILE D 98 -5.10 20.53 -4.20
CA ILE D 98 -6.33 19.79 -3.90
C ILE D 98 -7.65 20.55 -4.15
N SER D 99 -8.60 19.88 -4.83
CA SER D 99 -9.95 20.43 -5.04
C SER D 99 -10.92 19.45 -4.40
N LEU D 100 -11.60 19.90 -3.36
CA LEU D 100 -12.56 19.09 -2.65
C LEU D 100 -13.90 19.38 -3.34
N ILE D 101 -14.54 18.32 -3.83
CA ILE D 101 -15.78 18.47 -4.57
C ILE D 101 -16.86 17.50 -4.13
N THR D 102 -18.10 17.86 -4.44
CA THR D 102 -19.25 17.01 -4.10
C THR D 102 -19.93 16.65 -5.39
N ARG D 103 -20.52 15.46 -5.42
N ARG D 103 -20.48 15.45 -5.45
CA ARG D 103 -21.20 14.97 -6.60
CA ARG D 103 -21.16 15.01 -6.66
C ARG D 103 -22.55 15.65 -6.78
C ARG D 103 -22.52 15.65 -6.79
N VAL D 104 -22.70 16.35 -7.90
CA VAL D 104 -23.91 17.07 -8.25
C VAL D 104 -24.82 16.09 -8.97
N SER D 105 -26.12 16.21 -8.78
CA SER D 105 -27.03 15.30 -9.45
C SER D 105 -28.45 15.75 -9.04
N ASP D 106 -29.45 14.92 -9.28
CA ASP D 106 -30.82 15.24 -8.91
C ASP D 106 -31.57 13.91 -8.74
P PO4 E . 3.29 -7.81 17.92
O1 PO4 E . 4.40 -7.13 18.72
O2 PO4 E . 2.37 -6.77 17.31
O3 PO4 E . 3.87 -8.61 16.79
O4 PO4 E . 2.52 -8.73 18.84
P PO4 F . -5.63 12.90 -1.82
O1 PO4 F . -4.77 14.11 -1.51
O2 PO4 F . -7.04 13.09 -1.31
O3 PO4 F . -5.62 12.63 -3.31
O4 PO4 F . -5.05 11.69 -1.10
#